data_8AIP
#
_entry.id   8AIP
#
_cell.length_a   97.962
_cell.length_b   97.962
_cell.length_c   97.962
_cell.angle_alpha   90.000
_cell.angle_beta   90.000
_cell.angle_gamma   90.000
#
_symmetry.space_group_name_H-M   'P 2 3'
#
loop_
_entity.id
_entity.type
_entity.pdbx_description
1 polymer 'Two-Domain Laccase'
2 non-polymer 'COPPER (II) ION'
3 non-polymer 'OXYGEN MOLECULE'
4 water water
#
_entity_poly.entity_id   1
_entity_poly.type   'polypeptide(L)'
_entity_poly.pdbx_seq_one_letter_code
;TSDKPAAADKGGDVRNLTLYMEKLPNGEMGYGLRPGEATIPGPLIELTEGDTMNIEVVNNLDVAASLHVHGLDYDVASDG
TKMNDSVVQPGERRTYVWRTHAPGKRHDGTWEAGSAGYWHYHDHNVGTEHGTGGIKKGLYGPVVVRRKGDVLPDKQFTVV
FNDMTINNRTAPNTPMFKAVRGERVEFIVITHGDFFHTFHVHGHRWVDNRTGILEGPQDVSRVIDTKTTGPADSFGFQVI
AGERVGAGHWMYHCHVQSHSDMGMSGVFMVTEADGSVPGGMHDMHDMHNMPGM
;
_entity_poly.pdbx_strand_id   A
#
loop_
_chem_comp.id
_chem_comp.type
_chem_comp.name
_chem_comp.formula
CU non-polymer 'COPPER (II) ION' 'Cu 2'
OXY non-polymer 'OXYGEN MOLECULE' O2
#
# COMPACT_ATOMS: atom_id res chain seq x y z
N PRO A 5 3.31 -23.08 1.43
CA PRO A 5 3.52 -21.87 0.64
C PRO A 5 4.95 -21.32 0.74
N ALA A 6 5.30 -20.40 -0.16
CA ALA A 6 6.63 -19.82 -0.19
C ALA A 6 6.79 -18.80 0.93
N ALA A 7 7.94 -18.82 1.60
CA ALA A 7 8.25 -17.94 2.72
C ALA A 7 9.43 -17.06 2.38
N ALA A 8 9.39 -15.81 2.87
CA ALA A 8 10.48 -14.87 2.66
C ALA A 8 11.80 -15.39 3.22
N ASP A 9 12.86 -15.21 2.45
CA ASP A 9 14.23 -15.53 2.87
C ASP A 9 14.78 -14.42 3.77
N LYS A 10 15.98 -14.67 4.32
CA LYS A 10 16.69 -13.63 5.05
C LYS A 10 16.92 -12.43 4.14
N GLY A 11 16.74 -11.23 4.70
CA GLY A 11 17.02 -10.00 3.97
C GLY A 11 18.48 -9.58 4.10
N GLY A 12 18.80 -8.49 3.40
CA GLY A 12 20.12 -7.87 3.50
C GLY A 12 20.73 -7.61 2.13
N ASP A 13 19.86 -7.31 1.16
CA ASP A 13 20.26 -7.08 -0.22
C ASP A 13 20.02 -5.61 -0.57
N VAL A 14 20.98 -5.00 -1.23
CA VAL A 14 20.88 -3.61 -1.64
C VAL A 14 20.23 -3.61 -3.02
N ARG A 15 19.11 -2.91 -3.16
CA ARG A 15 18.33 -2.97 -4.39
C ARG A 15 18.10 -1.58 -4.94
N ASN A 16 18.13 -1.47 -6.27
CA ASN A 16 18.10 -0.18 -6.95
C ASN A 16 16.81 -0.06 -7.74
N LEU A 17 16.16 1.09 -7.63
CA LEU A 17 14.90 1.30 -8.31
C LEU A 17 14.89 2.68 -8.92
N THR A 18 14.09 2.83 -9.96
CA THR A 18 13.83 4.16 -10.49
C THR A 18 12.33 4.33 -10.49
N LEU A 19 11.88 5.51 -10.06
CA LEU A 19 10.49 5.93 -10.18
C LEU A 19 10.41 7.20 -11.01
N TYR A 20 9.42 7.24 -11.90
CA TYR A 20 9.14 8.45 -12.67
C TYR A 20 7.84 9.10 -12.19
N MET A 21 7.90 10.39 -11.89
CA MET A 21 6.72 11.18 -11.53
C MET A 21 6.20 11.85 -12.81
N GLU A 22 5.05 11.38 -13.30
CA GLU A 22 4.52 11.74 -14.61
C GLU A 22 3.14 12.37 -14.48
N LYS A 23 2.81 13.25 -15.42
CA LYS A 23 1.43 13.71 -15.52
C LYS A 23 0.59 12.62 -16.15
N LEU A 24 -0.60 12.41 -15.61
CA LEU A 24 -1.58 11.50 -16.14
C LEU A 24 -2.76 12.31 -16.66
N PRO A 25 -3.66 11.71 -17.43
CA PRO A 25 -4.78 12.47 -17.97
C PRO A 25 -5.65 13.09 -16.87
N ASN A 26 -6.21 14.27 -17.20
CA ASN A 26 -7.20 14.97 -16.36
C ASN A 26 -6.57 15.54 -15.08
N GLY A 27 -5.37 16.09 -15.20
CA GLY A 27 -4.77 16.78 -14.07
C GLY A 27 -4.27 15.89 -12.96
N GLU A 28 -4.21 14.58 -13.20
CA GLU A 28 -3.71 13.63 -12.23
C GLU A 28 -2.19 13.46 -12.36
N MET A 29 -1.61 12.78 -11.38
CA MET A 29 -0.16 12.62 -11.26
C MET A 29 0.11 11.26 -10.63
N GLY A 30 1.08 10.54 -11.19
CA GLY A 30 1.36 9.20 -10.72
C GLY A 30 2.83 8.87 -10.77
N TYR A 31 3.23 7.91 -9.92
CA TYR A 31 4.56 7.31 -9.95
C TYR A 31 4.57 6.14 -10.96
N GLY A 32 5.66 6.00 -11.69
CA GLY A 32 5.77 4.94 -12.66
C GLY A 32 7.15 4.32 -12.67
N LEU A 33 7.21 3.06 -13.12
CA LEU A 33 8.47 2.34 -13.24
C LEU A 33 9.22 2.66 -14.53
N ARG A 34 8.51 3.14 -15.54
CA ARG A 34 9.04 3.58 -16.84
C ARG A 34 8.35 4.88 -17.20
N PRO A 35 9.01 5.75 -17.96
CA PRO A 35 8.34 6.98 -18.40
C PRO A 35 7.12 6.62 -19.22
N GLY A 36 6.01 7.28 -18.93
CA GLY A 36 4.78 7.03 -19.64
C GLY A 36 3.96 5.88 -19.10
N GLU A 37 4.41 5.25 -18.00
CA GLU A 37 3.71 4.11 -17.41
C GLU A 37 3.39 4.35 -15.93
N ALA A 38 3.19 5.61 -15.52
CA ALA A 38 2.70 5.87 -14.18
C ALA A 38 1.31 5.27 -13.99
N THR A 39 1.06 4.78 -12.77
CA THR A 39 -0.23 4.23 -12.39
C THR A 39 -0.67 4.84 -11.07
N ILE A 40 -1.98 4.76 -10.82
CA ILE A 40 -2.53 5.17 -9.53
C ILE A 40 -3.24 3.96 -8.95
N PRO A 41 -2.73 3.36 -7.86
CA PRO A 41 -1.50 3.68 -7.08
C PRO A 41 -0.21 3.42 -7.82
N GLY A 42 0.88 3.94 -7.26
CA GLY A 42 2.20 3.76 -7.81
C GLY A 42 2.59 2.30 -7.67
N PRO A 43 3.67 1.88 -8.32
CA PRO A 43 4.05 0.47 -8.22
C PRO A 43 4.27 0.06 -6.77
N LEU A 44 3.93 -1.19 -6.47
CA LEU A 44 4.15 -1.73 -5.15
C LEU A 44 5.64 -2.06 -4.98
N ILE A 45 6.24 -1.53 -3.92
CA ILE A 45 7.64 -1.81 -3.60
C ILE A 45 7.65 -2.84 -2.47
N GLU A 46 8.27 -3.99 -2.72
CA GLU A 46 8.34 -5.06 -1.74
C GLU A 46 9.79 -5.35 -1.39
N LEU A 47 10.07 -5.54 -0.10
CA LEU A 47 11.42 -5.86 0.34
C LEU A 47 11.33 -6.65 1.65
N THR A 48 12.46 -7.21 2.06
CA THR A 48 12.56 -8.00 3.27
C THR A 48 13.47 -7.29 4.27
N GLU A 49 13.12 -7.40 5.56
CA GLU A 49 13.85 -6.72 6.62
C GLU A 49 15.36 -6.86 6.45
N GLY A 50 16.05 -5.73 6.55
CA GLY A 50 17.48 -5.67 6.33
C GLY A 50 17.86 -5.22 4.94
N ASP A 51 16.92 -5.22 3.99
CA ASP A 51 17.21 -4.73 2.66
C ASP A 51 17.39 -3.21 2.69
N THR A 52 18.10 -2.70 1.69
CA THR A 52 18.18 -1.27 1.41
C THR A 52 17.63 -1.02 0.01
N MET A 53 16.83 0.04 -0.13
CA MET A 53 16.33 0.51 -1.43
C MET A 53 16.98 1.83 -1.81
N ASN A 54 17.67 1.84 -2.96
CA ASN A 54 18.16 3.07 -3.58
C ASN A 54 17.20 3.42 -4.69
N ILE A 55 16.45 4.49 -4.52
CA ILE A 55 15.38 4.83 -5.44
C ILE A 55 15.70 6.19 -6.04
N GLU A 56 16.11 6.18 -7.32
CA GLU A 56 16.30 7.41 -8.09
C GLU A 56 14.94 7.91 -8.52
N VAL A 57 14.60 9.13 -8.15
CA VAL A 57 13.29 9.69 -8.47
C VAL A 57 13.46 10.75 -9.55
N VAL A 58 12.77 10.56 -10.67
CA VAL A 58 12.83 11.45 -11.84
C VAL A 58 11.55 12.26 -11.89
N ASN A 59 11.66 13.59 -11.78
CA ASN A 59 10.50 14.46 -11.64
C ASN A 59 10.12 15.04 -12.99
N ASN A 60 9.09 14.46 -13.62
CA ASN A 60 8.63 14.95 -14.91
C ASN A 60 7.33 15.73 -14.82
N LEU A 61 6.94 16.17 -13.63
CA LEU A 61 5.88 17.13 -13.44
C LEU A 61 6.41 18.55 -13.68
N ASP A 62 5.53 19.54 -13.61
CA ASP A 62 5.90 20.95 -13.71
C ASP A 62 6.13 21.61 -12.35
N VAL A 63 6.12 20.85 -11.25
CA VAL A 63 6.32 21.43 -9.93
C VAL A 63 7.23 20.54 -9.10
N ALA A 64 7.93 21.17 -8.17
CA ALA A 64 8.79 20.41 -7.26
C ALA A 64 7.94 19.41 -6.50
N ALA A 65 8.45 18.17 -6.42
CA ALA A 65 7.71 17.06 -5.87
C ALA A 65 8.68 16.16 -5.13
N SER A 66 8.16 15.20 -4.37
CA SER A 66 9.05 14.46 -3.50
C SER A 66 8.54 13.04 -3.30
N LEU A 67 9.27 12.31 -2.45
CA LEU A 67 9.02 10.91 -2.15
C LEU A 67 9.27 10.73 -0.66
N HIS A 68 8.19 10.45 0.08
CA HIS A 68 8.22 10.25 1.53
C HIS A 68 7.68 8.85 1.86
N VAL A 69 8.34 8.14 2.77
CA VAL A 69 7.96 6.76 3.04
C VAL A 69 7.59 6.64 4.51
N HIS A 70 6.55 5.83 4.79
CA HIS A 70 6.20 5.49 6.17
C HIS A 70 6.93 4.22 6.61
N GLY A 71 7.27 4.16 7.89
CA GLY A 71 7.76 2.94 8.48
C GLY A 71 9.25 2.66 8.38
N LEU A 72 9.88 3.05 7.29
CA LEU A 72 11.22 2.55 7.05
C LEU A 72 12.25 3.50 7.67
N ASP A 73 13.51 3.08 7.66
CA ASP A 73 14.61 3.88 8.17
C ASP A 73 15.17 4.76 7.06
N TYR A 74 15.14 6.08 7.27
CA TYR A 74 15.64 7.04 6.32
C TYR A 74 16.17 8.24 7.10
N ASP A 75 17.24 8.87 6.64
CA ASP A 75 17.71 10.05 7.34
C ASP A 75 16.98 11.27 6.79
N VAL A 76 17.30 12.45 7.31
CA VAL A 76 16.61 13.67 6.89
C VAL A 76 16.84 13.97 5.42
N ALA A 77 17.94 13.48 4.84
CA ALA A 77 18.18 13.78 3.43
C ALA A 77 17.17 13.08 2.52
N SER A 78 16.55 11.98 2.99
CA SER A 78 15.44 11.32 2.31
C SER A 78 14.09 11.54 3.02
N ASP A 79 13.97 12.62 3.83
CA ASP A 79 12.71 12.94 4.49
C ASP A 79 11.59 13.25 3.50
N GLY A 80 11.93 13.74 2.31
CA GLY A 80 10.94 14.11 1.32
C GLY A 80 10.28 15.46 1.51
N THR A 81 10.80 16.30 2.38
CA THR A 81 10.17 17.59 2.70
C THR A 81 11.08 18.73 2.27
N LYS A 82 10.46 19.87 1.89
CA LYS A 82 11.21 21.09 1.65
C LYS A 82 12.00 21.49 2.88
N MET A 83 11.37 21.36 4.05
CA MET A 83 12.01 21.71 5.31
C MET A 83 13.37 21.03 5.48
N ASN A 84 13.52 19.80 4.99
CA ASN A 84 14.80 19.10 5.05
C ASN A 84 15.51 19.01 3.69
N ASP A 85 15.23 19.96 2.79
CA ASP A 85 15.93 20.06 1.49
C ASP A 85 15.92 18.73 0.76
N SER A 86 14.72 18.19 0.56
CA SER A 86 14.55 16.81 0.15
C SER A 86 13.50 16.70 -0.92
N VAL A 87 13.45 17.68 -1.81
CA VAL A 87 12.51 17.67 -2.93
C VAL A 87 13.29 17.59 -4.24
N VAL A 88 12.55 17.45 -5.33
CA VAL A 88 13.11 17.20 -6.65
C VAL A 88 12.51 18.24 -7.57
N GLN A 89 13.36 19.01 -8.24
CA GLN A 89 12.86 20.05 -9.14
C GLN A 89 12.37 19.40 -10.42
N PRO A 90 11.47 20.06 -11.13
CA PRO A 90 11.10 19.60 -12.48
C PRO A 90 12.34 19.32 -13.32
N GLY A 91 12.32 18.17 -14.01
CA GLY A 91 13.38 17.79 -14.91
C GLY A 91 14.65 17.33 -14.23
N GLU A 92 14.66 17.22 -12.91
CA GLU A 92 15.86 16.82 -12.19
C GLU A 92 15.67 15.45 -11.54
N ARG A 93 16.76 14.87 -11.06
CA ARG A 93 16.68 13.58 -10.40
C ARG A 93 17.21 13.72 -8.99
N ARG A 94 16.86 12.70 -8.20
CA ARG A 94 17.32 12.57 -6.82
C ARG A 94 17.17 11.12 -6.39
N THR A 95 18.13 10.64 -5.63
CA THR A 95 18.02 9.32 -5.06
C THR A 95 17.61 9.42 -3.60
N TYR A 96 16.51 8.74 -3.26
CA TYR A 96 16.08 8.54 -1.89
C TYR A 96 16.48 7.14 -1.45
N VAL A 97 16.89 6.99 -0.20
CA VAL A 97 17.44 5.75 0.30
C VAL A 97 16.61 5.32 1.49
N TRP A 98 16.04 4.10 1.41
CA TRP A 98 15.27 3.49 2.48
C TRP A 98 16.05 2.31 3.04
N ARG A 99 16.34 2.33 4.33
CA ARG A 99 16.91 1.18 5.00
C ARG A 99 15.81 0.43 5.75
N THR A 100 16.13 -0.80 6.13
CA THR A 100 15.28 -1.56 7.03
C THR A 100 16.18 -2.34 7.96
N HIS A 101 15.58 -2.82 9.04
CA HIS A 101 16.28 -3.66 9.99
C HIS A 101 15.34 -4.76 10.44
N ALA A 102 15.88 -5.79 10.97
CA ALA A 102 15.07 -6.85 11.56
C ALA A 102 15.03 -6.64 13.06
N PRO A 103 14.09 -7.26 13.79
CA PRO A 103 14.04 -7.01 15.25
C PRO A 103 15.29 -7.54 15.92
N GLY A 104 15.60 -7.00 17.09
CA GLY A 104 16.77 -7.44 17.83
C GLY A 104 16.94 -6.71 19.15
N LYS A 105 17.76 -7.31 20.03
CA LYS A 105 18.03 -6.76 21.36
C LYS A 105 19.12 -5.69 21.32
N ARG A 106 18.84 -4.55 21.94
CA ARG A 106 19.81 -3.47 22.06
C ARG A 106 20.80 -3.79 23.18
N HIS A 107 21.91 -3.03 23.20
CA HIS A 107 22.92 -3.22 24.24
C HIS A 107 22.29 -3.16 25.64
N ASP A 108 21.34 -2.23 25.84
CA ASP A 108 20.64 -2.06 27.10
C ASP A 108 19.52 -3.10 27.31
N GLY A 109 19.50 -4.19 26.55
CA GLY A 109 18.60 -5.30 26.80
C GLY A 109 17.16 -5.16 26.33
N THR A 110 16.75 -4.00 25.80
CA THR A 110 15.38 -3.80 25.36
C THR A 110 15.27 -4.09 23.87
N TRP A 111 14.08 -4.51 23.45
CA TRP A 111 13.88 -4.98 22.09
C TRP A 111 13.63 -3.83 21.11
N GLU A 112 14.33 -3.86 19.99
CA GLU A 112 14.02 -2.97 18.87
C GLU A 112 13.12 -3.72 17.90
N ALA A 113 11.90 -3.22 17.69
CA ALA A 113 11.05 -3.89 16.72
C ALA A 113 11.66 -3.78 15.32
N GLY A 114 11.28 -4.73 14.45
CA GLY A 114 11.73 -4.69 13.07
C GLY A 114 10.87 -3.78 12.19
N SER A 115 11.31 -3.63 10.93
CA SER A 115 10.64 -2.76 9.98
C SER A 115 9.45 -3.42 9.30
N ALA A 116 9.27 -4.72 9.48
CA ALA A 116 8.26 -5.44 8.70
C ALA A 116 6.86 -4.86 8.88
N GLY A 117 6.12 -4.80 7.80
CA GLY A 117 4.72 -4.43 7.87
C GLY A 117 4.25 -3.84 6.57
N TYR A 118 3.01 -3.38 6.59
CA TYR A 118 2.35 -2.78 5.44
C TYR A 118 2.49 -1.26 5.52
N TRP A 119 3.16 -0.67 4.54
CA TRP A 119 3.46 0.76 4.61
C TRP A 119 3.09 1.44 3.30
N HIS A 120 3.60 2.65 3.06
CA HIS A 120 3.29 3.35 1.83
C HIS A 120 4.23 4.52 1.63
N TYR A 121 4.23 5.03 0.41
CA TYR A 121 5.00 6.21 0.06
C TYR A 121 4.07 7.17 -0.66
N HIS A 122 4.37 8.46 -0.55
CA HIS A 122 3.57 9.44 -1.27
C HIS A 122 4.40 10.71 -1.42
N ASP A 123 3.86 11.65 -2.19
CA ASP A 123 4.48 12.95 -2.36
C ASP A 123 4.27 13.77 -1.10
N HIS A 124 5.24 14.63 -0.80
CA HIS A 124 5.15 15.49 0.36
C HIS A 124 5.37 16.95 -0.02
N ASN A 125 5.20 17.33 -1.29
CA ASN A 125 5.51 18.70 -1.67
C ASN A 125 4.66 19.36 -2.76
N VAL A 126 3.85 18.61 -3.50
CA VAL A 126 3.00 19.25 -4.51
C VAL A 126 1.80 19.88 -3.82
N GLY A 127 1.50 21.13 -4.16
CA GLY A 127 0.35 21.82 -3.61
C GLY A 127 0.60 22.53 -2.30
N THR A 128 0.90 21.76 -1.25
CA THR A 128 1.29 22.30 0.04
C THR A 128 2.52 21.57 0.53
N GLU A 129 3.15 22.11 1.57
CA GLU A 129 4.35 21.51 2.14
C GLU A 129 4.08 20.15 2.77
N HIS A 130 2.81 19.74 2.82
CA HIS A 130 2.43 18.41 3.27
C HIS A 130 1.97 17.52 2.13
N GLY A 131 2.19 17.96 0.88
CA GLY A 131 1.88 17.15 -0.28
C GLY A 131 0.40 17.01 -0.58
N THR A 132 -0.42 17.97 -0.14
CA THR A 132 -1.87 17.80 -0.27
C THR A 132 -2.30 17.76 -1.73
N GLY A 133 -1.74 18.63 -2.57
CA GLY A 133 -2.08 18.55 -3.98
C GLY A 133 -1.59 17.27 -4.63
N GLY A 134 -0.34 16.89 -4.35
CA GLY A 134 0.20 15.68 -4.95
C GLY A 134 -0.58 14.43 -4.58
N ILE A 135 -0.97 14.32 -3.31
CA ILE A 135 -1.72 13.15 -2.87
C ILE A 135 -3.08 13.13 -3.52
N LYS A 136 -3.75 14.29 -3.58
CA LYS A 136 -5.07 14.38 -4.20
C LYS A 136 -5.05 13.87 -5.64
N LYS A 137 -4.02 14.22 -6.39
CA LYS A 137 -3.99 13.87 -7.80
C LYS A 137 -3.42 12.48 -8.07
N GLY A 138 -2.97 11.76 -7.04
CA GLY A 138 -2.60 10.35 -7.21
C GLY A 138 -1.17 9.92 -6.87
N LEU A 139 -0.38 10.80 -6.26
CA LEU A 139 1.02 10.49 -5.99
C LEU A 139 1.12 9.69 -4.68
N TYR A 140 0.87 8.38 -4.79
CA TYR A 140 0.90 7.53 -3.62
C TYR A 140 1.00 6.08 -4.06
N GLY A 141 1.65 5.26 -3.22
CA GLY A 141 1.81 3.87 -3.56
C GLY A 141 2.14 2.97 -2.39
N PRO A 142 1.98 1.66 -2.59
CA PRO A 142 2.18 0.70 -1.48
C PRO A 142 3.62 0.25 -1.31
N VAL A 143 3.91 -0.17 -0.08
CA VAL A 143 5.20 -0.70 0.35
C VAL A 143 4.91 -1.90 1.22
N VAL A 144 5.53 -3.04 0.92
CA VAL A 144 5.44 -4.22 1.76
C VAL A 144 6.84 -4.63 2.20
N VAL A 145 7.05 -4.71 3.51
CA VAL A 145 8.30 -5.21 4.06
C VAL A 145 8.01 -6.53 4.74
N ARG A 146 8.69 -7.58 4.31
CA ARG A 146 8.52 -8.89 4.92
C ARG A 146 9.50 -9.11 6.07
N ARG A 147 9.03 -9.85 7.08
CA ARG A 147 9.93 -10.50 8.02
C ARG A 147 10.34 -11.84 7.43
N LYS A 148 11.59 -12.21 7.65
CA LYS A 148 12.08 -13.53 7.27
C LYS A 148 11.11 -14.62 7.72
N GLY A 149 10.64 -15.40 6.76
CA GLY A 149 9.71 -16.45 7.07
C GLY A 149 8.25 -16.13 6.85
N ASP A 150 7.88 -14.85 6.74
CA ASP A 150 6.50 -14.50 6.44
C ASP A 150 5.98 -15.28 5.24
N VAL A 151 4.70 -15.67 5.30
CA VAL A 151 4.07 -16.36 4.18
C VAL A 151 3.78 -15.37 3.05
N LEU A 152 3.99 -15.83 1.83
CA LEU A 152 3.90 -14.96 0.67
C LEU A 152 2.65 -15.26 -0.13
N PRO A 153 2.01 -14.24 -0.71
CA PRO A 153 0.75 -14.43 -1.42
C PRO A 153 0.94 -14.70 -2.90
N ASP A 154 -0.16 -15.14 -3.53
CA ASP A 154 -0.21 -15.29 -4.98
C ASP A 154 -0.69 -14.04 -5.68
N LYS A 155 -1.52 -13.24 -5.01
CA LYS A 155 -2.06 -12.01 -5.57
C LYS A 155 -1.99 -10.89 -4.53
N GLN A 156 -1.68 -9.69 -4.99
CA GLN A 156 -1.57 -8.50 -4.16
C GLN A 156 -2.51 -7.46 -4.71
N PHE A 157 -3.45 -7.00 -3.89
CA PHE A 157 -4.37 -5.97 -4.31
C PHE A 157 -4.23 -4.78 -3.38
N THR A 158 -4.17 -3.59 -3.98
CA THR A 158 -4.02 -2.36 -3.23
C THR A 158 -5.30 -1.54 -3.33
N VAL A 159 -5.80 -1.13 -2.17
CA VAL A 159 -6.99 -0.31 -2.04
C VAL A 159 -6.58 0.95 -1.29
N VAL A 160 -6.65 2.09 -1.95
CA VAL A 160 -6.35 3.38 -1.32
C VAL A 160 -7.65 4.14 -1.22
N PHE A 161 -8.11 4.39 0.00
CA PHE A 161 -9.21 5.32 0.22
C PHE A 161 -8.61 6.70 0.15
N ASN A 162 -8.86 7.41 -0.94
CA ASN A 162 -8.36 8.76 -1.12
C ASN A 162 -9.56 9.70 -1.18
N ASP A 163 -9.84 10.40 -0.08
CA ASP A 163 -11.03 11.26 0.00
C ASP A 163 -12.23 10.36 -0.27
N MET A 164 -13.16 10.75 -1.15
CA MET A 164 -14.34 9.94 -1.43
C MET A 164 -14.14 9.02 -2.62
N THR A 165 -12.96 8.40 -2.75
CA THR A 165 -12.67 7.53 -3.88
C THR A 165 -11.88 6.32 -3.42
N ILE A 166 -11.83 5.33 -4.31
CA ILE A 166 -10.90 4.22 -4.22
C ILE A 166 -9.93 4.38 -5.39
N ASN A 167 -8.66 4.62 -5.09
CA ASN A 167 -7.63 4.68 -6.11
C ASN A 167 -7.95 5.76 -7.15
N ASN A 168 -8.54 6.87 -6.68
CA ASN A 168 -8.93 8.04 -7.46
C ASN A 168 -10.12 7.76 -8.39
N ARG A 169 -10.79 6.61 -8.24
CA ARG A 169 -12.02 6.29 -8.97
C ARG A 169 -13.19 6.17 -8.00
N THR A 170 -14.41 6.31 -8.54
CA THR A 170 -15.64 5.97 -7.81
C THR A 170 -16.55 5.08 -8.65
N ALA A 171 -17.86 5.34 -8.52
CA ALA A 171 -18.78 5.01 -9.59
C ALA A 171 -18.74 3.50 -9.79
N PRO A 172 -18.96 2.98 -11.00
CA PRO A 172 -18.50 1.62 -11.32
C PRO A 172 -17.07 1.50 -11.83
N ASN A 173 -16.27 2.56 -11.76
CA ASN A 173 -14.91 2.53 -12.32
C ASN A 173 -13.86 2.15 -11.29
N THR A 174 -14.27 1.74 -10.10
CA THR A 174 -13.32 1.27 -9.11
C THR A 174 -12.74 -0.08 -9.54
N PRO A 175 -11.48 -0.36 -9.18
CA PRO A 175 -10.87 -1.64 -9.57
C PRO A 175 -11.68 -2.84 -9.11
N MET A 176 -11.83 -3.81 -10.03
CA MET A 176 -12.20 -5.17 -9.67
C MET A 176 -10.96 -6.05 -9.53
N PHE A 177 -10.88 -6.79 -8.43
CA PHE A 177 -9.76 -7.67 -8.15
C PHE A 177 -10.18 -9.12 -8.33
N LYS A 178 -9.53 -9.83 -9.26
CA LYS A 178 -9.92 -11.19 -9.60
C LYS A 178 -8.95 -12.16 -8.96
N ALA A 179 -9.49 -13.23 -8.40
CA ALA A 179 -8.65 -14.34 -7.97
C ALA A 179 -9.41 -15.64 -8.14
N VAL A 180 -8.66 -16.74 -8.12
CA VAL A 180 -9.24 -18.07 -8.16
C VAL A 180 -9.42 -18.53 -6.73
N ARG A 181 -10.55 -19.19 -6.44
CA ARG A 181 -10.81 -19.71 -5.10
C ARG A 181 -9.61 -20.52 -4.59
N GLY A 182 -9.31 -20.38 -3.30
CA GLY A 182 -8.15 -21.04 -2.75
C GLY A 182 -6.83 -20.30 -2.89
N GLU A 183 -6.77 -19.24 -3.70
CA GLU A 183 -5.52 -18.50 -3.84
C GLU A 183 -5.27 -17.64 -2.59
N ARG A 184 -4.00 -17.53 -2.21
CA ARG A 184 -3.59 -16.64 -1.13
C ARG A 184 -3.57 -15.20 -1.67
N VAL A 185 -4.53 -14.39 -1.23
CA VAL A 185 -4.72 -13.03 -1.68
C VAL A 185 -4.30 -12.10 -0.55
N GLU A 186 -3.51 -11.09 -0.88
CA GLU A 186 -3.00 -10.14 0.10
C GLU A 186 -3.60 -8.78 -0.21
N PHE A 187 -4.26 -8.16 0.78
CA PHE A 187 -4.77 -6.81 0.63
C PHE A 187 -3.88 -5.83 1.36
N ILE A 188 -3.66 -4.69 0.72
CA ILE A 188 -2.95 -3.57 1.31
C ILE A 188 -3.89 -2.37 1.25
N VAL A 189 -4.18 -1.79 2.42
CA VAL A 189 -5.22 -0.78 2.55
C VAL A 189 -4.59 0.48 3.13
N ILE A 190 -4.60 1.56 2.34
CA ILE A 190 -4.01 2.85 2.69
C ILE A 190 -5.10 3.90 2.57
N THR A 191 -5.10 4.88 3.49
CA THR A 191 -6.03 5.99 3.45
C THR A 191 -5.29 7.31 3.29
N HIS A 192 -5.90 8.24 2.57
CA HIS A 192 -5.29 9.53 2.29
C HIS A 192 -6.34 10.62 2.23
N GLY A 193 -5.90 11.87 2.46
CA GLY A 193 -6.73 13.04 2.25
C GLY A 193 -7.34 13.56 3.54
N ASP A 194 -8.65 13.78 3.58
CA ASP A 194 -9.26 14.53 4.67
C ASP A 194 -10.34 13.77 5.44
N PHE A 195 -10.54 12.48 5.17
CA PHE A 195 -11.69 11.80 5.74
C PHE A 195 -11.29 10.44 6.31
N PHE A 196 -12.14 9.99 7.23
CA PHE A 196 -12.02 8.69 7.86
C PHE A 196 -13.03 7.74 7.22
N HIS A 197 -12.61 6.49 7.06
CA HIS A 197 -13.36 5.47 6.36
C HIS A 197 -13.31 4.18 7.17
N THR A 198 -14.23 3.27 6.88
CA THR A 198 -14.16 1.92 7.42
C THR A 198 -14.05 0.95 6.26
N PHE A 199 -12.94 0.25 6.18
CA PHE A 199 -12.77 -0.76 5.16
C PHE A 199 -13.48 -2.06 5.57
N HIS A 200 -14.18 -2.69 4.62
CA HIS A 200 -14.93 -3.92 4.86
C HIS A 200 -14.91 -4.77 3.60
N VAL A 201 -14.84 -6.09 3.78
CA VAL A 201 -14.94 -7.07 2.70
C VAL A 201 -16.03 -8.09 3.04
N HIS A 202 -17.00 -8.26 2.14
CA HIS A 202 -17.99 -9.32 2.30
C HIS A 202 -17.29 -10.67 2.19
N GLY A 203 -17.71 -11.61 3.03
CA GLY A 203 -17.29 -12.98 2.88
C GLY A 203 -15.89 -13.30 3.35
N HIS A 204 -15.16 -12.34 3.88
CA HIS A 204 -13.80 -12.63 4.32
C HIS A 204 -13.53 -11.88 5.61
N ARG A 205 -12.47 -12.30 6.30
CA ARG A 205 -12.08 -11.69 7.56
C ARG A 205 -10.57 -11.87 7.74
N TRP A 206 -10.05 -11.24 8.78
CA TRP A 206 -8.62 -11.29 9.05
C TRP A 206 -8.34 -10.91 10.50
N VAL A 207 -7.10 -11.19 10.93
CA VAL A 207 -6.62 -10.93 12.29
C VAL A 207 -6.02 -9.53 12.31
N ASP A 208 -6.33 -8.76 13.36
CA ASP A 208 -5.86 -7.38 13.50
C ASP A 208 -4.50 -7.39 14.20
N ASN A 209 -3.51 -7.93 13.51
CA ASN A 209 -2.12 -7.97 13.97
C ASN A 209 -1.25 -7.55 12.79
N ARG A 210 0.08 -7.70 12.94
CA ARG A 210 1.02 -7.18 11.94
C ARG A 210 0.71 -7.72 10.54
N THR A 211 0.50 -9.03 10.44
CA THR A 211 0.40 -9.75 9.17
C THR A 211 -1.05 -10.00 8.73
N GLY A 212 -2.02 -9.75 9.58
CA GLY A 212 -3.38 -10.13 9.30
C GLY A 212 -3.66 -11.62 9.34
N ILE A 213 -2.68 -12.45 9.69
CA ILE A 213 -2.81 -13.90 9.73
C ILE A 213 -2.61 -14.33 11.16
N LEU A 214 -3.42 -15.28 11.61
CA LEU A 214 -3.27 -15.75 12.98
C LEU A 214 -1.86 -16.31 13.18
N GLU A 215 -1.24 -15.90 14.29
CA GLU A 215 0.14 -16.26 14.54
C GLU A 215 0.26 -17.59 15.27
N GLY A 216 -0.70 -17.90 16.14
CA GLY A 216 -0.79 -19.22 16.73
C GLY A 216 -1.84 -19.28 17.82
N PRO A 217 -1.92 -20.45 18.47
CA PRO A 217 -2.92 -20.64 19.54
C PRO A 217 -2.89 -19.59 20.64
N GLN A 218 -1.78 -18.92 20.88
CA GLN A 218 -1.77 -17.85 21.86
C GLN A 218 -1.92 -16.47 21.22
N ASP A 219 -2.30 -16.41 19.96
CA ASP A 219 -2.61 -15.10 19.37
C ASP A 219 -3.99 -14.68 19.82
N VAL A 220 -4.05 -13.44 20.29
CA VAL A 220 -5.14 -12.91 21.10
C VAL A 220 -5.84 -11.76 20.40
N SER A 221 -5.34 -11.36 19.23
CA SER A 221 -5.83 -10.22 18.47
C SER A 221 -7.27 -10.43 18.06
N ARG A 222 -7.99 -9.31 17.86
CA ARG A 222 -9.36 -9.37 17.37
C ARG A 222 -9.40 -9.93 15.95
N VAL A 223 -10.33 -10.81 15.68
CA VAL A 223 -10.66 -11.14 14.30
C VAL A 223 -11.80 -10.24 13.86
N ILE A 224 -11.64 -9.65 12.67
CA ILE A 224 -12.46 -8.53 12.22
C ILE A 224 -12.74 -8.69 10.72
N ASP A 225 -13.75 -7.96 10.25
CA ASP A 225 -13.91 -7.78 8.81
C ASP A 225 -14.13 -6.31 8.47
N THR A 226 -14.03 -5.43 9.46
CA THR A 226 -14.22 -4.00 9.27
C THR A 226 -13.12 -3.30 10.04
N LYS A 227 -12.55 -2.21 9.47
CA LYS A 227 -11.47 -1.48 10.13
C LYS A 227 -11.57 0.03 9.85
N THR A 228 -11.64 0.83 10.92
CA THR A 228 -11.56 2.28 10.79
C THR A 228 -10.16 2.66 10.33
N THR A 229 -10.09 3.56 9.36
CA THR A 229 -8.81 3.94 8.81
C THR A 229 -8.84 5.40 8.41
N GLY A 230 -7.88 6.18 8.91
CA GLY A 230 -7.75 7.59 8.60
C GLY A 230 -6.53 7.90 7.76
N PRO A 231 -6.44 9.18 7.30
CA PRO A 231 -5.38 9.58 6.36
C PRO A 231 -4.00 9.16 6.80
N ALA A 232 -3.36 8.32 5.97
CA ALA A 232 -2.02 7.75 6.11
C ALA A 232 -1.95 6.59 7.08
N ASP A 233 -3.08 6.08 7.55
CA ASP A 233 -3.07 4.75 8.12
C ASP A 233 -2.72 3.78 7.02
N SER A 234 -1.98 2.74 7.36
CA SER A 234 -1.81 1.63 6.44
C SER A 234 -1.82 0.33 7.24
N PHE A 235 -2.49 -0.67 6.69
CA PHE A 235 -2.49 -2.01 7.24
C PHE A 235 -2.63 -2.96 6.07
N GLY A 236 -2.49 -4.26 6.35
CA GLY A 236 -2.69 -5.28 5.33
C GLY A 236 -2.94 -6.63 5.96
N PHE A 237 -3.34 -7.58 5.12
CA PHE A 237 -3.67 -8.92 5.59
C PHE A 237 -3.70 -9.87 4.41
N GLN A 238 -3.77 -11.17 4.71
CA GLN A 238 -3.88 -12.19 3.69
C GLN A 238 -5.09 -13.07 3.98
N VAL A 239 -5.84 -13.42 2.94
CA VAL A 239 -6.95 -14.36 3.04
C VAL A 239 -6.78 -15.46 1.99
N ILE A 240 -7.30 -16.65 2.31
CA ILE A 240 -7.65 -17.61 1.28
C ILE A 240 -8.98 -17.16 0.67
N ALA A 241 -8.94 -16.77 -0.59
CA ALA A 241 -10.15 -16.34 -1.30
C ALA A 241 -11.17 -17.45 -1.34
N GLY A 242 -12.41 -17.11 -0.96
CA GLY A 242 -13.50 -18.08 -0.98
C GLY A 242 -13.48 -19.09 0.14
N GLU A 243 -12.49 -19.02 1.03
CA GLU A 243 -12.46 -19.93 2.16
C GLU A 243 -13.75 -19.85 2.97
N ARG A 244 -14.40 -21.00 3.17
CA ARG A 244 -15.66 -21.15 3.91
C ARG A 244 -16.86 -20.50 3.24
N VAL A 245 -16.69 -19.81 2.12
CA VAL A 245 -17.76 -19.00 1.55
C VAL A 245 -17.95 -19.18 0.05
N GLY A 246 -16.97 -19.73 -0.67
CA GLY A 246 -17.11 -20.03 -2.08
C GLY A 246 -16.84 -18.85 -2.99
N ALA A 247 -16.81 -19.14 -4.28
CA ALA A 247 -16.63 -18.12 -5.29
C ALA A 247 -17.81 -17.13 -5.27
N GLY A 248 -17.62 -16.01 -5.95
CA GLY A 248 -18.69 -15.06 -6.13
C GLY A 248 -18.19 -13.63 -6.26
N HIS A 249 -19.15 -12.72 -6.44
CA HIS A 249 -18.93 -11.28 -6.50
C HIS A 249 -18.94 -10.78 -5.06
N TRP A 250 -17.75 -10.60 -4.48
CA TRP A 250 -17.63 -10.27 -3.06
C TRP A 250 -17.30 -8.80 -2.92
N MET A 251 -18.25 -8.02 -2.43
CA MET A 251 -18.06 -6.58 -2.37
C MET A 251 -16.95 -6.24 -1.38
N TYR A 252 -16.10 -5.28 -1.77
CA TYR A 252 -15.32 -4.50 -0.83
C TYR A 252 -15.79 -3.05 -0.93
N HIS A 253 -15.81 -2.36 0.21
CA HIS A 253 -16.33 -1.01 0.15
C HIS A 253 -16.04 -0.30 1.46
N CYS A 254 -16.19 1.01 1.43
CA CYS A 254 -16.19 1.77 2.66
C CYS A 254 -17.56 1.60 3.30
N HIS A 255 -17.58 1.33 4.60
CA HIS A 255 -18.86 1.05 5.23
C HIS A 255 -19.54 2.29 5.77
N VAL A 256 -18.93 3.48 5.63
CA VAL A 256 -19.66 4.71 5.92
C VAL A 256 -20.76 4.85 4.88
N GLN A 257 -22.00 5.03 5.35
CA GLN A 257 -23.14 4.76 4.47
C GLN A 257 -23.18 5.71 3.29
N SER A 258 -23.08 7.01 3.57
CA SER A 258 -23.06 8.00 2.49
C SER A 258 -21.85 7.81 1.58
N HIS A 259 -20.77 7.24 2.10
CA HIS A 259 -19.60 7.04 1.24
C HIS A 259 -19.86 5.92 0.24
N SER A 260 -20.28 4.76 0.71
CA SER A 260 -20.61 3.67 -0.21
C SER A 260 -21.75 4.05 -1.14
N ASP A 261 -22.72 4.83 -0.66
CA ASP A 261 -23.76 5.31 -1.57
C ASP A 261 -23.18 6.24 -2.63
N MET A 262 -22.05 6.90 -2.35
CA MET A 262 -21.41 7.75 -3.34
C MET A 262 -20.28 7.03 -4.09
N GLY A 263 -20.32 5.71 -4.13
CA GLY A 263 -19.45 4.95 -5.00
C GLY A 263 -18.15 4.43 -4.41
N MET A 264 -17.98 4.47 -3.09
CA MET A 264 -16.76 3.95 -2.46
C MET A 264 -16.84 2.43 -2.30
N SER A 265 -17.06 1.75 -3.43
CA SER A 265 -17.23 0.31 -3.42
C SER A 265 -16.63 -0.29 -4.70
N GLY A 266 -16.28 -1.57 -4.61
CA GLY A 266 -15.85 -2.33 -5.77
C GLY A 266 -16.10 -3.80 -5.51
N VAL A 267 -15.55 -4.64 -6.39
CA VAL A 267 -15.81 -6.07 -6.35
C VAL A 267 -14.50 -6.81 -6.21
N PHE A 268 -14.43 -7.69 -5.20
CA PHE A 268 -13.44 -8.77 -5.10
C PHE A 268 -14.05 -10.02 -5.75
N MET A 269 -13.71 -10.26 -7.02
CA MET A 269 -14.32 -11.37 -7.74
C MET A 269 -13.52 -12.65 -7.54
N VAL A 270 -14.08 -13.59 -6.76
CA VAL A 270 -13.49 -14.90 -6.58
C VAL A 270 -14.18 -15.86 -7.54
N THR A 271 -13.40 -16.56 -8.35
CA THR A 271 -13.93 -17.40 -9.42
C THR A 271 -13.50 -18.85 -9.20
N GLU A 272 -14.25 -19.77 -9.79
CA GLU A 272 -13.83 -21.16 -9.81
C GLU A 272 -12.57 -21.28 -10.66
N ALA A 273 -11.97 -22.48 -10.64
CA ALA A 273 -10.71 -22.66 -11.37
C ALA A 273 -10.89 -22.46 -12.87
N ASP A 274 -12.08 -22.74 -13.41
CA ASP A 274 -12.35 -22.60 -14.83
C ASP A 274 -12.84 -21.20 -15.21
N GLY A 275 -12.89 -20.28 -14.26
CA GLY A 275 -13.31 -18.92 -14.54
C GLY A 275 -14.74 -18.61 -14.20
N SER A 276 -15.59 -19.62 -13.96
CA SER A 276 -16.98 -19.35 -13.62
C SER A 276 -17.08 -18.58 -12.31
N VAL A 277 -18.18 -17.89 -12.15
CA VAL A 277 -18.45 -17.12 -10.95
C VAL A 277 -19.97 -17.02 -10.79
N PRO A 278 -20.51 -17.39 -9.64
CA PRO A 278 -21.95 -17.18 -9.40
C PRO A 278 -22.31 -15.71 -9.55
N GLY A 279 -23.39 -15.45 -10.29
CA GLY A 279 -23.88 -14.08 -10.50
C GLY A 279 -24.20 -13.75 -11.94
CU CU B . -15.42 6.24 3.48
CU CU C . -22.41 -4.34 7.02
CU CU D . -21.81 -4.22 2.14
O1 OXY E . -21.59 -4.92 4.55
O2 OXY E . -22.45 -4.06 4.40
#